data_3C7E
#
_entry.id   3C7E
#
_cell.length_a   67.710
_cell.length_b   74.430
_cell.length_c   106.990
_cell.angle_alpha   90.00
_cell.angle_beta   90.00
_cell.angle_gamma   90.00
#
_symmetry.space_group_name_H-M   'P 21 21 21'
#
loop_
_entity.id
_entity.type
_entity.pdbx_description
1 polymer Endo-1,4-beta-xylanase
2 non-polymer 'CALCIUM ION'
3 non-polymer 'SODIUM ION'
4 non-polymer 'FORMIC ACID'
5 water water
#
_entity_poly.entity_id   1
_entity_poly.type   'polypeptide(L)'
_entity_poly.pdbx_seq_one_letter_code
;ATSTTIAKHIGNSNPLIDHHLGADPVALTYNGRVYIYMSSDDYEYNSNGTIKDNSFANLNRVFVISSADMVNWTDHGAIP
VAGANGANGGRGIAKWAGASWAPSIAVKKINGKDKFFLYFANSGGGIGVLTADSPIGPWTDPIGKPLVTPSTPGMSGVVW
LFDPAVFVDDDGTGYLYAGGGVPGVSNPTQGQWANPKTARVIKLGPDMTSVVGSASTIDAPFMFEDSGLHKYNGTYYYSY
CINFGGTHPADKPPGEIGYMTSSSPMGPFTYRGHFLKNPGAFFGGGGNNHHAVFNFKNEWYVVYHAQTVSSALFGAGKGY
RSPHINKLVHNADGSIQEVAANYAGVTQISNLNPYNRVEAETFAWNGRILTEKSTAPGGPVNNQHVTSIQNGDWIAVGNA
DFGAGGARSFKANVASTLGGKIEVRLDSADGKLVGTLNVPSTGGAQTWREIETAVSGATGVHKVFFVFTGTGTGNLFNFD
YWQFTQR
;
_entity_poly.pdbx_strand_id   A
#
# COMPACT_ATOMS: atom_id res chain seq x y z
N ALA A 1 20.83 20.18 -2.07
CA ALA A 1 19.97 19.29 -1.22
C ALA A 1 20.32 19.48 0.22
N THR A 2 19.34 19.86 1.02
CA THR A 2 19.54 19.98 2.46
C THR A 2 18.60 19.02 3.22
N SER A 3 17.37 18.83 2.70
CA SER A 3 16.40 17.97 3.36
C SER A 3 16.84 16.51 3.41
N THR A 4 16.46 15.84 4.51
CA THR A 4 16.87 14.46 4.79
C THR A 4 15.68 13.50 4.63
N THR A 5 15.95 12.21 4.40
CA THR A 5 14.90 11.20 4.33
C THR A 5 14.33 10.92 5.73
N ILE A 6 13.02 10.73 5.85
CA ILE A 6 12.39 10.39 7.15
C ILE A 6 12.78 8.99 7.66
N ALA A 7 12.50 7.97 6.84
CA ALA A 7 12.68 6.58 7.27
C ALA A 7 13.21 5.73 6.13
N LYS A 8 12.79 6.04 4.90
CA LYS A 8 13.24 5.26 3.71
C LYS A 8 14.43 5.99 3.13
N HIS A 9 15.60 5.43 3.42
CA HIS A 9 16.90 6.02 3.12
C HIS A 9 17.34 5.59 1.75
N ILE A 10 18.09 6.46 1.09
CA ILE A 10 18.56 6.20 -0.27
C ILE A 10 19.29 4.88 -0.22
N GLY A 11 18.99 4.02 -1.19
CA GLY A 11 19.61 2.68 -1.25
C GLY A 11 18.77 1.62 -0.56
N ASN A 12 17.76 2.04 0.23
CA ASN A 12 16.89 1.11 0.98
C ASN A 12 15.51 1.08 0.36
N SER A 13 14.82 -0.05 0.48
CA SER A 13 13.50 -0.25 -0.10
C SER A 13 12.31 -0.24 0.89
N ASN A 14 12.60 -0.30 2.19
CA ASN A 14 11.61 -0.15 3.27
C ASN A 14 11.84 1.10 4.13
N PRO A 15 10.74 1.76 4.59
CA PRO A 15 9.34 1.51 4.16
C PRO A 15 9.18 1.85 2.68
N LEU A 16 8.12 1.36 2.04
CA LEU A 16 7.92 1.59 0.59
C LEU A 16 7.85 3.07 0.25
N ILE A 17 7.19 3.79 1.15
CA ILE A 17 7.02 5.22 1.05
C ILE A 17 7.13 5.81 2.45
N ASP A 18 7.57 7.07 2.52
CA ASP A 18 7.59 7.79 3.80
C ASP A 18 7.07 9.22 3.70
N HIS A 19 6.58 9.64 2.53
CA HIS A 19 6.00 11.00 2.43
C HIS A 19 4.57 11.06 2.98
N HIS A 20 4.03 9.88 3.25
CA HIS A 20 2.79 9.76 4.00
C HIS A 20 2.69 8.34 4.51
N LEU A 21 1.63 8.05 5.26
CA LEU A 21 1.42 6.74 5.88
C LEU A 21 0.56 5.85 4.99
N GLY A 22 0.47 4.58 5.40
CA GLY A 22 -0.41 3.60 4.74
C GLY A 22 -0.41 2.35 5.57
N ALA A 23 -1.58 1.96 6.05
CA ALA A 23 -1.71 0.80 6.96
C ALA A 23 -2.42 -0.36 6.29
N ASP A 24 -2.36 -1.54 6.89
CA ASP A 24 -3.14 -2.73 6.46
C ASP A 24 -2.98 -3.00 4.97
N PRO A 25 -1.72 -3.16 4.49
CA PRO A 25 -1.52 -3.32 3.06
C PRO A 25 -1.89 -4.69 2.48
N VAL A 26 -2.27 -4.65 1.20
CA VAL A 26 -2.53 -5.84 0.43
C VAL A 26 -1.98 -5.55 -0.98
N ALA A 27 -1.65 -6.62 -1.72
CA ALA A 27 -1.04 -6.51 -3.02
C ALA A 27 -1.92 -7.07 -4.13
N LEU A 28 -2.01 -6.30 -5.22
CA LEU A 28 -2.52 -6.85 -6.50
C LEU A 28 -1.36 -6.90 -7.50
N THR A 29 -1.16 -8.05 -8.14
CA THR A 29 -0.16 -8.08 -9.22
C THR A 29 -0.94 -8.07 -10.54
N TYR A 30 -0.56 -7.15 -11.42
CA TYR A 30 -1.33 -6.96 -12.65
C TYR A 30 -0.49 -6.34 -13.73
N ASN A 31 -0.25 -7.16 -14.74
CA ASN A 31 0.34 -6.72 -16.02
C ASN A 31 1.67 -5.96 -15.84
N GLY A 32 2.54 -6.57 -15.06
CA GLY A 32 3.90 -6.05 -14.91
C GLY A 32 4.04 -5.06 -13.76
N ARG A 33 2.95 -4.79 -13.04
CA ARG A 33 3.07 -3.91 -11.86
C ARG A 33 2.50 -4.58 -10.62
N VAL A 34 2.98 -4.15 -9.47
CA VAL A 34 2.41 -4.55 -8.19
C VAL A 34 1.74 -3.32 -7.60
N TYR A 35 0.46 -3.43 -7.26
CA TYR A 35 -0.29 -2.31 -6.67
C TYR A 35 -0.53 -2.65 -5.20
N ILE A 36 -0.26 -1.70 -4.32
CA ILE A 36 -0.45 -1.89 -2.86
C ILE A 36 -1.58 -0.98 -2.47
N TYR A 37 -2.62 -1.56 -1.86
CA TYR A 37 -3.76 -0.80 -1.35
C TYR A 37 -3.66 -0.77 0.17
N MET A 38 -3.96 0.37 0.78
CA MET A 38 -3.75 0.52 2.23
C MET A 38 -4.89 1.28 2.89
N SER A 39 -5.15 1.03 4.18
CA SER A 39 -5.97 1.91 5.03
C SER A 39 -5.34 3.29 5.12
N SER A 40 -6.19 4.33 5.17
CA SER A 40 -5.71 5.71 5.08
C SER A 40 -5.24 6.29 6.42
N ASP A 41 -4.16 5.71 7.01
CA ASP A 41 -3.59 6.30 8.21
C ASP A 41 -3.14 7.74 7.86
N ASP A 42 -3.47 8.69 8.73
CA ASP A 42 -3.00 10.07 8.63
C ASP A 42 -2.92 10.68 10.03
N TYR A 43 -1.91 11.53 10.23
CA TYR A 43 -1.56 12.08 11.54
C TYR A 43 -2.75 12.84 12.13
N GLU A 44 -3.10 12.48 13.36
CA GLU A 44 -4.12 13.21 14.10
C GLU A 44 -3.45 14.06 15.16
N TYR A 45 -4.13 15.15 15.52
CA TYR A 45 -3.53 16.15 16.41
C TYR A 45 -4.52 16.52 17.50
N ASN A 46 -3.99 16.83 18.69
CA ASN A 46 -4.76 17.48 19.73
C ASN A 46 -5.08 18.92 19.27
N SER A 47 -6.02 19.58 19.95
CA SER A 47 -6.34 21.00 19.66
C SER A 47 -5.19 21.97 19.68
N ASN A 48 -4.15 21.69 20.47
CA ASN A 48 -2.99 22.58 20.49
C ASN A 48 -1.96 22.28 19.41
N GLY A 49 -2.32 21.44 18.44
CA GLY A 49 -1.44 21.08 17.35
C GLY A 49 -0.35 20.08 17.67
N THR A 50 -0.40 19.43 18.83
CA THR A 50 0.56 18.37 19.11
C THR A 50 0.00 17.03 18.59
N ILE A 51 0.91 16.15 18.20
CA ILE A 51 0.56 14.84 17.69
C ILE A 51 -0.14 14.04 18.78
N LYS A 52 -1.22 13.34 18.43
CA LYS A 52 -1.76 12.32 19.33
C LYS A 52 -1.72 10.92 18.71
N ASP A 53 -2.11 9.92 19.50
CA ASP A 53 -2.14 8.55 19.03
C ASP A 53 -3.22 8.35 17.96
N ASN A 54 -2.91 7.54 16.96
CA ASN A 54 -3.87 7.18 15.95
C ASN A 54 -5.12 6.62 16.62
N SER A 55 -6.28 7.18 16.27
CA SER A 55 -7.53 6.62 16.77
C SER A 55 -8.37 6.05 15.66
N PHE A 56 -7.82 5.96 14.46
CA PHE A 56 -8.53 5.43 13.27
C PHE A 56 -9.69 6.30 12.80
N ALA A 57 -9.73 7.56 13.26
CA ALA A 57 -10.72 8.53 12.83
C ALA A 57 -10.68 8.79 11.32
N ASN A 58 -9.48 8.76 10.74
CA ASN A 58 -9.30 9.11 9.33
C ASN A 58 -9.43 7.94 8.36
N LEU A 59 -9.87 6.79 8.84
CA LEU A 59 -9.81 5.54 8.05
C LEU A 59 -11.00 5.36 7.13
N ASN A 60 -11.11 6.26 6.16
CA ASN A 60 -12.29 6.39 5.31
C ASN A 60 -11.94 6.47 3.83
N ARG A 61 -10.65 6.33 3.54
CA ARG A 61 -10.14 6.26 2.18
C ARG A 61 -9.26 5.02 2.03
N VAL A 62 -8.96 4.67 0.79
CA VAL A 62 -7.93 3.64 0.51
C VAL A 62 -6.84 4.27 -0.31
N PHE A 63 -5.62 4.24 0.22
CA PHE A 63 -4.42 4.74 -0.49
C PHE A 63 -3.88 3.70 -1.45
N VAL A 64 -3.48 4.13 -2.64
CA VAL A 64 -2.96 3.21 -3.66
C VAL A 64 -1.61 3.69 -4.22
N ILE A 65 -0.63 2.79 -4.20
CA ILE A 65 0.69 3.04 -4.84
C ILE A 65 1.00 1.83 -5.74
N SER A 66 1.91 1.99 -6.69
CA SER A 66 2.30 0.86 -7.55
C SER A 66 3.72 0.97 -8.01
N SER A 67 4.29 -0.18 -8.39
CA SER A 67 5.63 -0.27 -8.84
C SER A 67 5.79 -1.34 -9.90
N ALA A 68 6.71 -1.10 -10.84
CA ALA A 68 7.21 -2.17 -11.74
C ALA A 68 8.52 -2.82 -11.25
N ASP A 69 9.11 -2.26 -10.19
CA ASP A 69 10.52 -2.61 -9.86
C ASP A 69 10.81 -2.72 -8.36
N MET A 70 9.81 -2.49 -7.52
CA MET A 70 9.96 -2.70 -6.05
C MET A 70 10.65 -1.53 -5.32
N VAL A 71 11.12 -0.51 -6.05
CA VAL A 71 11.88 0.61 -5.45
C VAL A 71 11.24 1.98 -5.76
N ASN A 72 10.94 2.21 -7.04
CA ASN A 72 10.18 3.39 -7.47
C ASN A 72 8.69 3.11 -7.32
N TRP A 73 8.01 3.94 -6.52
CA TRP A 73 6.54 3.81 -6.32
C TRP A 73 5.84 5.04 -6.90
N THR A 74 4.87 4.77 -7.78
CA THR A 74 3.88 5.75 -8.25
C THR A 74 2.79 5.93 -7.22
N ASP A 75 2.61 7.18 -6.78
CA ASP A 75 1.51 7.48 -5.88
C ASP A 75 0.25 7.74 -6.68
N HIS A 76 -0.77 6.89 -6.44
CA HIS A 76 -2.04 7.01 -7.19
C HIS A 76 -3.11 7.73 -6.34
N GLY A 77 -2.66 8.26 -5.21
CA GLY A 77 -3.51 9.01 -4.30
C GLY A 77 -4.47 8.13 -3.54
N ALA A 78 -5.71 8.61 -3.42
CA ALA A 78 -6.64 8.04 -2.45
C ALA A 78 -8.01 7.79 -3.09
N ILE A 79 -8.57 6.61 -2.85
CA ILE A 79 -9.94 6.27 -3.22
C ILE A 79 -10.82 6.67 -2.07
N PRO A 80 -11.80 7.57 -2.34
CA PRO A 80 -12.67 8.06 -1.28
C PRO A 80 -13.78 7.03 -1.03
N VAL A 81 -13.42 5.96 -0.34
CA VAL A 81 -14.33 4.79 -0.23
C VAL A 81 -15.56 5.07 0.59
N ALA A 82 -15.37 5.49 1.85
CA ALA A 82 -16.48 5.77 2.76
C ALA A 82 -17.25 7.02 2.33
N GLY A 83 -18.56 6.91 2.32
CA GLY A 83 -19.43 8.02 1.94
C GLY A 83 -20.49 8.42 2.96
N ALA A 84 -20.54 7.76 4.12
CA ALA A 84 -21.54 8.07 5.15
C ALA A 84 -21.01 9.19 6.02
N ASN A 85 -21.88 9.77 6.86
CA ASN A 85 -21.47 10.81 7.82
C ASN A 85 -20.62 11.96 7.21
N GLY A 86 -20.97 12.37 5.98
CA GLY A 86 -20.25 13.42 5.27
C GLY A 86 -19.34 13.10 4.09
N ALA A 87 -18.97 11.82 3.94
CA ALA A 87 -17.85 11.36 3.05
C ALA A 87 -16.58 11.64 3.86
N ASN A 88 -15.42 12.12 3.35
CA ASN A 88 -14.98 12.46 1.96
C ASN A 88 -15.62 13.65 1.20
N GLY A 89 -16.06 14.68 1.93
CA GLY A 89 -16.70 15.88 1.34
C GLY A 89 -17.88 15.66 0.39
N GLY A 90 -18.71 14.66 0.67
CA GLY A 90 -19.81 14.28 -0.23
C GLY A 90 -19.40 13.46 -1.42
N ARG A 91 -18.10 13.14 -1.50
CA ARG A 91 -17.54 12.41 -2.65
C ARG A 91 -17.29 10.92 -2.39
N GLY A 92 -17.60 10.45 -1.17
CA GLY A 92 -17.48 9.03 -0.82
C GLY A 92 -18.33 8.14 -1.76
N ILE A 93 -17.83 6.95 -2.06
CA ILE A 93 -18.43 6.11 -3.11
C ILE A 93 -19.49 5.19 -2.50
N ALA A 94 -19.20 4.73 -1.28
CA ALA A 94 -20.00 3.75 -0.57
C ALA A 94 -20.78 4.52 0.50
N LYS A 95 -21.99 4.94 0.14
CA LYS A 95 -22.79 5.87 0.92
C LYS A 95 -23.25 5.32 2.26
N TRP A 96 -23.23 4.00 2.40
CA TRP A 96 -23.70 3.30 3.58
C TRP A 96 -22.56 3.12 4.59
N ALA A 97 -21.32 3.40 4.18
CA ALA A 97 -20.08 3.07 4.93
C ALA A 97 -19.43 4.30 5.52
N GLY A 98 -19.20 4.30 6.84
CA GLY A 98 -18.42 5.40 7.48
C GLY A 98 -16.91 5.16 7.48
N ALA A 99 -16.48 3.93 7.25
CA ALA A 99 -15.07 3.58 7.28
C ALA A 99 -14.77 2.62 6.15
N SER A 100 -13.51 2.57 5.74
CA SER A 100 -13.06 1.53 4.84
C SER A 100 -11.73 1.03 5.30
N TRP A 101 -11.73 0.03 6.18
CA TRP A 101 -10.53 -0.51 6.80
C TRP A 101 -10.01 -1.70 6.04
N ALA A 102 -8.70 -1.87 6.01
CA ALA A 102 -8.06 -3.15 5.63
C ALA A 102 -8.52 -3.72 4.31
N PRO A 103 -8.17 -3.01 3.21
CA PRO A 103 -8.71 -3.41 1.92
C PRO A 103 -8.21 -4.78 1.45
N SER A 104 -9.01 -5.44 0.62
CA SER A 104 -8.46 -6.53 -0.16
C SER A 104 -8.82 -6.22 -1.62
N ILE A 105 -8.19 -6.92 -2.56
CA ILE A 105 -8.25 -6.52 -3.98
C ILE A 105 -8.22 -7.79 -4.80
N ALA A 106 -8.91 -7.81 -5.93
CA ALA A 106 -8.87 -8.98 -6.78
C ALA A 106 -9.07 -8.53 -8.20
N VAL A 107 -8.55 -9.28 -9.16
CA VAL A 107 -8.93 -9.08 -10.58
C VAL A 107 -9.52 -10.38 -11.15
N LYS A 108 -10.52 -10.25 -12.01
CA LYS A 108 -11.12 -11.41 -12.70
C LYS A 108 -11.50 -10.99 -14.12
N LYS A 109 -11.22 -11.83 -15.09
CA LYS A 109 -11.66 -11.55 -16.44
C LYS A 109 -13.14 -11.93 -16.49
N ILE A 110 -14.00 -10.96 -16.77
CA ILE A 110 -15.41 -11.24 -16.92
C ILE A 110 -15.87 -10.73 -18.28
N ASN A 111 -16.51 -11.61 -19.06
CA ASN A 111 -16.92 -11.25 -20.41
C ASN A 111 -15.72 -10.83 -21.25
N GLY A 112 -14.64 -11.58 -21.11
CA GLY A 112 -13.38 -11.29 -21.79
C GLY A 112 -12.72 -9.95 -21.46
N LYS A 113 -13.25 -9.24 -20.45
CA LYS A 113 -12.61 -8.01 -19.96
C LYS A 113 -12.19 -8.08 -18.46
N ASP A 114 -10.95 -7.66 -18.14
CA ASP A 114 -10.47 -7.62 -16.75
C ASP A 114 -11.30 -6.66 -15.91
N LYS A 115 -11.83 -7.13 -14.79
CA LYS A 115 -12.57 -6.26 -13.88
C LYS A 115 -11.92 -6.32 -12.51
N PHE A 116 -12.03 -5.24 -11.74
CA PHE A 116 -11.31 -5.11 -10.48
C PHE A 116 -12.26 -4.92 -9.33
N PHE A 117 -11.95 -5.54 -8.19
CA PHE A 117 -12.83 -5.58 -7.04
C PHE A 117 -12.03 -5.22 -5.82
N LEU A 118 -12.42 -4.13 -5.17
CA LEU A 118 -11.79 -3.66 -3.96
C LEU A 118 -12.71 -3.92 -2.74
N TYR A 119 -12.27 -4.73 -1.79
CA TYR A 119 -13.10 -5.06 -0.62
C TYR A 119 -12.57 -4.31 0.59
N PHE A 120 -13.41 -4.08 1.61
CA PHE A 120 -13.01 -3.27 2.76
C PHE A 120 -13.93 -3.58 3.91
N ALA A 121 -13.51 -3.26 5.13
CA ALA A 121 -14.33 -3.51 6.28
C ALA A 121 -14.88 -2.15 6.73
N ASN A 122 -16.20 -2.08 6.94
CA ASN A 122 -16.79 -0.85 7.45
C ASN A 122 -16.75 -0.92 9.00
N SER A 123 -15.56 -0.64 9.56
CA SER A 123 -15.23 -1.02 10.91
C SER A 123 -15.67 -2.49 11.10
N GLY A 124 -16.56 -2.72 12.08
CA GLY A 124 -17.09 -4.06 12.32
C GLY A 124 -18.48 -4.24 11.73
N GLY A 125 -18.95 -3.21 11.03
CA GLY A 125 -20.30 -3.21 10.44
C GLY A 125 -20.49 -4.01 9.16
N GLY A 126 -19.49 -4.81 8.77
CA GLY A 126 -19.58 -5.64 7.56
C GLY A 126 -18.57 -5.32 6.45
N ILE A 127 -18.49 -6.21 5.46
CA ILE A 127 -17.53 -6.09 4.37
CA ILE A 127 -17.53 -6.05 4.40
C ILE A 127 -18.21 -5.58 3.10
N GLY A 128 -17.68 -4.52 2.49
CA GLY A 128 -18.25 -4.00 1.23
C GLY A 128 -17.31 -4.25 0.07
N VAL A 129 -17.74 -3.90 -1.15
CA VAL A 129 -16.96 -4.09 -2.35
C VAL A 129 -17.32 -2.97 -3.31
N LEU A 130 -16.30 -2.49 -4.03
CA LEU A 130 -16.40 -1.53 -5.11
C LEU A 130 -15.79 -2.20 -6.33
N THR A 131 -16.25 -1.81 -7.52
CA THR A 131 -15.75 -2.39 -8.75
C THR A 131 -15.14 -1.31 -9.64
N ALA A 132 -14.23 -1.69 -10.53
CA ALA A 132 -13.69 -0.74 -11.51
C ALA A 132 -13.20 -1.52 -12.72
N ASP A 133 -12.91 -0.75 -13.78
CA ASP A 133 -12.33 -1.28 -15.01
C ASP A 133 -10.83 -1.12 -15.07
N SER A 134 -10.25 -0.55 -14.02
CA SER A 134 -8.80 -0.41 -13.94
C SER A 134 -8.38 -0.60 -12.46
N PRO A 135 -7.10 -0.94 -12.20
CA PRO A 135 -6.72 -1.19 -10.79
C PRO A 135 -6.79 0.07 -9.94
N ILE A 136 -6.88 1.24 -10.61
CA ILE A 136 -6.88 2.57 -10.00
CA ILE A 136 -6.95 2.53 -9.89
C ILE A 136 -8.24 3.27 -10.14
N GLY A 137 -9.24 2.56 -10.66
CA GLY A 137 -10.56 3.15 -10.79
C GLY A 137 -10.81 3.85 -12.14
N PRO A 138 -11.87 4.66 -12.24
CA PRO A 138 -12.77 5.00 -11.13
C PRO A 138 -13.69 3.86 -10.62
N TRP A 139 -14.21 4.01 -9.39
CA TRP A 139 -14.86 2.92 -8.68
C TRP A 139 -16.35 3.12 -8.57
N THR A 140 -17.08 2.02 -8.54
CA THR A 140 -18.54 2.00 -8.44
C THR A 140 -18.93 1.11 -7.26
N ASP A 141 -19.95 1.54 -6.50
CA ASP A 141 -20.60 0.70 -5.51
C ASP A 141 -21.82 0.01 -6.16
N PRO A 142 -21.67 -1.25 -6.59
CA PRO A 142 -22.76 -1.91 -7.33
C PRO A 142 -23.86 -2.47 -6.43
N ILE A 143 -23.69 -2.42 -5.11
CA ILE A 143 -24.67 -3.01 -4.19
C ILE A 143 -25.43 -2.00 -3.36
N GLY A 144 -24.75 -0.99 -2.81
CA GLY A 144 -25.40 0.01 -2.00
C GLY A 144 -25.54 -0.38 -0.55
N LYS A 145 -24.97 -1.54 -0.18
CA LYS A 145 -24.96 -1.98 1.22
C LYS A 145 -23.89 -3.04 1.37
N PRO A 146 -23.60 -3.50 2.60
CA PRO A 146 -22.53 -4.49 2.72
C PRO A 146 -22.79 -5.74 1.92
N LEU A 147 -21.70 -6.33 1.45
CA LEU A 147 -21.66 -7.61 0.77
C LEU A 147 -21.89 -8.73 1.82
N VAL A 148 -21.20 -8.65 2.95
CA VAL A 148 -21.29 -9.66 4.02
C VAL A 148 -21.56 -8.97 5.36
N THR A 149 -22.53 -9.49 6.12
CA THR A 149 -22.83 -9.01 7.49
C THR A 149 -22.83 -10.24 8.42
N PRO A 150 -22.98 -10.04 9.75
CA PRO A 150 -23.32 -11.16 10.68
C PRO A 150 -24.52 -12.06 10.29
N SER A 151 -25.46 -11.53 9.50
CA SER A 151 -26.62 -12.30 9.08
C SER A 151 -26.35 -13.15 7.85
N THR A 152 -25.22 -12.92 7.17
CA THR A 152 -24.82 -13.84 6.09
C THR A 152 -24.68 -15.25 6.69
N PRO A 153 -25.18 -16.28 5.96
CA PRO A 153 -25.17 -17.64 6.48
C PRO A 153 -23.72 -18.12 6.78
N GLY A 154 -23.51 -18.69 7.96
CA GLY A 154 -22.20 -19.13 8.39
C GLY A 154 -21.40 -18.07 9.14
N MET A 155 -21.82 -16.79 9.05
CA MET A 155 -21.08 -15.66 9.65
C MET A 155 -21.45 -15.41 11.07
N SER A 156 -22.43 -16.15 11.56
CA SER A 156 -22.72 -16.11 12.98
C SER A 156 -21.54 -16.79 13.73
N GLY A 157 -21.14 -16.15 14.83
CA GLY A 157 -19.96 -16.63 15.56
C GLY A 157 -18.76 -15.69 15.45
N VAL A 158 -18.68 -14.92 14.36
CA VAL A 158 -17.56 -14.00 14.17
C VAL A 158 -17.66 -12.84 15.18
N VAL A 159 -16.59 -12.58 15.92
CA VAL A 159 -16.58 -11.52 16.92
C VAL A 159 -16.35 -10.16 16.26
N TRP A 160 -15.30 -10.08 15.44
CA TRP A 160 -14.99 -8.88 14.66
C TRP A 160 -15.06 -9.28 13.20
N LEU A 161 -16.04 -8.77 12.47
CA LEU A 161 -16.15 -9.08 11.04
C LEU A 161 -15.33 -8.10 10.19
N PHE A 162 -14.01 -8.30 10.20
CA PHE A 162 -13.16 -7.43 9.41
C PHE A 162 -11.99 -8.14 8.74
N ASP A 163 -10.99 -7.36 8.34
CA ASP A 163 -9.83 -7.82 7.61
C ASP A 163 -10.16 -8.81 6.51
N PRO A 164 -10.87 -8.36 5.46
CA PRO A 164 -11.12 -9.28 4.34
C PRO A 164 -9.85 -9.71 3.56
N ALA A 165 -9.88 -10.91 3.01
CA ALA A 165 -8.89 -11.33 2.02
C ALA A 165 -9.64 -12.10 0.94
N VAL A 166 -9.57 -11.60 -0.29
CA VAL A 166 -10.29 -12.22 -1.41
C VAL A 166 -9.27 -12.79 -2.39
N PHE A 167 -9.53 -14.02 -2.81
CA PHE A 167 -8.65 -14.83 -3.61
C PHE A 167 -9.45 -15.30 -4.81
N VAL A 168 -8.93 -15.14 -6.02
CA VAL A 168 -9.53 -15.73 -7.20
C VAL A 168 -8.74 -16.99 -7.55
N ASP A 169 -9.37 -18.16 -7.43
CA ASP A 169 -8.68 -19.43 -7.62
C ASP A 169 -8.41 -19.67 -9.12
N ASP A 170 -7.59 -20.67 -9.44
CA ASP A 170 -7.21 -20.93 -10.86
C ASP A 170 -8.37 -21.27 -11.78
N ASP A 171 -9.43 -21.85 -11.21
CA ASP A 171 -10.65 -22.17 -11.97
C ASP A 171 -11.55 -20.93 -12.15
N GLY A 172 -11.13 -19.78 -11.62
CA GLY A 172 -11.92 -18.56 -11.69
C GLY A 172 -12.81 -18.31 -10.48
N THR A 173 -12.87 -19.25 -9.54
CA THR A 173 -13.75 -19.11 -8.39
C THR A 173 -13.14 -18.21 -7.33
N GLY A 174 -13.92 -17.21 -6.91
CA GLY A 174 -13.51 -16.25 -5.89
C GLY A 174 -13.88 -16.77 -4.51
N TYR A 175 -13.01 -16.51 -3.54
CA TYR A 175 -13.24 -16.84 -2.14
C TYR A 175 -12.91 -15.64 -1.25
N LEU A 176 -13.78 -15.38 -0.28
CA LEU A 176 -13.58 -14.34 0.72
C LEU A 176 -13.28 -14.96 2.08
N TYR A 177 -12.19 -14.52 2.71
CA TYR A 177 -11.82 -14.90 4.07
C TYR A 177 -11.95 -13.65 4.90
N ALA A 178 -12.50 -13.76 6.09
CA ALA A 178 -12.70 -12.60 6.95
C ALA A 178 -12.92 -13.06 8.38
N GLY A 179 -12.90 -12.12 9.31
CA GLY A 179 -13.21 -12.48 10.68
C GLY A 179 -12.09 -12.27 11.64
N GLY A 180 -12.32 -12.67 12.88
CA GLY A 180 -11.37 -12.49 13.95
C GLY A 180 -12.10 -12.06 15.23
N GLY A 181 -11.33 -11.61 16.19
CA GLY A 181 -11.90 -11.29 17.48
C GLY A 181 -11.87 -12.58 18.27
N VAL A 182 -11.99 -12.44 19.58
CA VAL A 182 -11.93 -13.59 20.46
C VAL A 182 -13.19 -13.55 21.33
N PRO A 183 -13.96 -14.64 21.36
CA PRO A 183 -15.18 -14.63 22.17
C PRO A 183 -14.88 -14.63 23.68
N GLY A 184 -15.86 -14.16 24.45
CA GLY A 184 -15.79 -14.14 25.92
C GLY A 184 -15.52 -12.73 26.40
N VAL A 185 -15.84 -11.78 25.52
CA VAL A 185 -15.75 -10.32 25.75
C VAL A 185 -14.54 -9.90 26.56
N SER A 186 -14.77 -9.59 27.84
CA SER A 186 -13.74 -9.06 28.76
C SER A 186 -12.67 -10.07 29.23
N ASN A 187 -13.09 -11.27 29.60
CA ASN A 187 -12.16 -12.35 30.00
C ASN A 187 -12.49 -13.63 29.26
N PRO A 188 -11.85 -13.82 28.06
CA PRO A 188 -11.93 -15.11 27.41
C PRO A 188 -11.25 -16.15 28.27
N THR A 189 -11.77 -17.37 28.24
CA THR A 189 -11.08 -18.49 28.87
C THR A 189 -9.86 -18.83 28.04
N GLN A 190 -8.98 -19.61 28.65
CA GLN A 190 -7.84 -20.15 27.95
C GLN A 190 -8.29 -20.81 26.62
N GLY A 191 -9.35 -21.59 26.64
CA GLY A 191 -9.81 -22.29 25.44
C GLY A 191 -10.33 -21.36 24.34
N GLN A 192 -10.99 -20.26 24.75
CA GLN A 192 -11.46 -19.25 23.83
C GLN A 192 -10.30 -18.54 23.14
N TRP A 193 -9.21 -18.25 23.87
CA TRP A 193 -7.99 -17.72 23.27
C TRP A 193 -7.38 -18.72 22.24
N ALA A 194 -7.36 -20.00 22.62
CA ALA A 194 -6.70 -20.99 21.79
C ALA A 194 -7.48 -21.33 20.52
N ASN A 195 -8.81 -21.36 20.62
CA ASN A 195 -9.66 -21.62 19.46
C ASN A 195 -10.81 -20.61 19.39
N PRO A 196 -10.49 -19.34 19.05
CA PRO A 196 -11.60 -18.37 18.95
C PRO A 196 -12.70 -18.82 17.99
N LYS A 197 -12.35 -19.55 16.92
CA LYS A 197 -13.34 -19.98 15.90
C LYS A 197 -14.12 -18.84 15.23
N THR A 198 -13.43 -17.73 15.02
CA THR A 198 -14.02 -16.53 14.44
C THR A 198 -13.50 -16.28 13.01
N ALA A 199 -12.59 -17.12 12.49
CA ALA A 199 -12.20 -17.03 11.05
C ALA A 199 -13.22 -17.75 10.17
N ARG A 200 -13.51 -17.15 9.02
CA ARG A 200 -14.53 -17.66 8.10
C ARG A 200 -13.99 -17.65 6.68
N VAL A 201 -14.39 -18.62 5.89
CA VAL A 201 -14.27 -18.52 4.43
C VAL A 201 -15.65 -18.71 3.78
N ILE A 202 -15.98 -17.84 2.83
CA ILE A 202 -17.20 -17.99 2.02
C ILE A 202 -16.87 -17.93 0.53
N LYS A 203 -17.50 -18.81 -0.26
CA LYS A 203 -17.30 -18.81 -1.71
C LYS A 203 -18.08 -17.62 -2.26
N LEU A 204 -17.51 -16.90 -3.23
CA LEU A 204 -18.17 -15.76 -3.87
C LEU A 204 -18.89 -16.25 -5.13
N GLY A 205 -19.93 -15.52 -5.54
CA GLY A 205 -20.52 -15.75 -6.83
C GLY A 205 -19.58 -15.47 -8.00
N PRO A 206 -19.96 -15.92 -9.21
CA PRO A 206 -19.25 -15.63 -10.46
C PRO A 206 -18.94 -14.15 -10.65
N ASP A 207 -19.84 -13.28 -10.21
CA ASP A 207 -19.64 -11.84 -10.38
C ASP A 207 -18.72 -11.14 -9.33
N MET A 208 -18.31 -11.88 -8.28
CA MET A 208 -17.39 -11.37 -7.26
C MET A 208 -18.00 -10.33 -6.32
N THR A 209 -19.31 -10.08 -6.51
CA THR A 209 -20.08 -9.12 -5.72
C THR A 209 -21.33 -9.80 -5.08
N SER A 210 -21.22 -11.10 -4.82
CA SER A 210 -22.23 -11.84 -4.09
C SER A 210 -21.53 -13.07 -3.52
N VAL A 211 -22.19 -13.75 -2.58
CA VAL A 211 -21.68 -15.01 -2.02
C VAL A 211 -22.57 -16.21 -2.44
N VAL A 212 -21.99 -17.42 -2.42
CA VAL A 212 -22.72 -18.67 -2.68
C VAL A 212 -22.70 -19.47 -1.37
N GLY A 213 -23.80 -20.14 -1.04
CA GLY A 213 -23.88 -20.98 0.16
C GLY A 213 -23.63 -20.25 1.46
N SER A 214 -23.06 -20.95 2.43
CA SER A 214 -22.73 -20.33 3.71
C SER A 214 -21.22 -20.33 3.94
N ALA A 215 -20.80 -19.57 4.93
CA ALA A 215 -19.39 -19.49 5.34
C ALA A 215 -19.01 -20.76 6.12
N SER A 216 -17.79 -21.26 5.88
CA SER A 216 -17.17 -22.31 6.74
C SER A 216 -16.26 -21.66 7.78
N THR A 217 -16.18 -22.29 8.95
CA THR A 217 -15.24 -21.91 9.96
C THR A 217 -13.86 -22.43 9.63
N ILE A 218 -12.87 -21.55 9.68
CA ILE A 218 -11.51 -21.99 9.74
C ILE A 218 -11.03 -21.92 11.21
N ASP A 219 -10.75 -23.08 11.78
CA ASP A 219 -10.28 -23.21 13.17
C ASP A 219 -8.78 -22.90 13.23
N ALA A 220 -8.47 -21.61 13.09
CA ALA A 220 -7.09 -21.13 13.17
C ALA A 220 -6.76 -21.02 14.63
N PRO A 221 -5.79 -21.82 15.10
CA PRO A 221 -5.49 -21.72 16.53
C PRO A 221 -4.92 -20.34 16.94
N PHE A 222 -5.42 -19.81 18.06
CA PHE A 222 -5.10 -18.45 18.53
C PHE A 222 -5.37 -17.39 17.44
N MET A 223 -6.47 -17.55 16.70
CA MET A 223 -6.87 -16.55 15.68
C MET A 223 -6.95 -15.15 16.29
N PHE A 224 -6.46 -14.14 15.56
CA PHE A 224 -6.75 -12.75 15.94
C PHE A 224 -7.47 -11.99 14.82
N GLU A 225 -6.79 -11.75 13.71
CA GLU A 225 -7.37 -10.98 12.59
C GLU A 225 -6.43 -11.18 11.41
N ASP A 226 -6.51 -10.30 10.39
CA ASP A 226 -5.50 -10.26 9.32
C ASP A 226 -5.45 -11.59 8.51
N SER A 227 -6.62 -12.08 8.09
CA SER A 227 -6.69 -13.17 7.11
C SER A 227 -5.84 -12.88 5.88
N GLY A 228 -5.28 -13.96 5.34
CA GLY A 228 -4.49 -13.95 4.11
C GLY A 228 -4.60 -15.32 3.45
N LEU A 229 -4.64 -15.33 2.12
CA LEU A 229 -4.67 -16.58 1.35
C LEU A 229 -3.67 -16.45 0.20
N HIS A 230 -2.72 -17.38 0.09
CA HIS A 230 -1.97 -17.53 -1.16
C HIS A 230 -1.92 -19.01 -1.51
N LYS A 231 -1.65 -19.29 -2.78
CA LYS A 231 -1.60 -20.67 -3.25
C LYS A 231 -0.20 -20.94 -3.80
N TYR A 232 0.44 -21.97 -3.28
CA TYR A 232 1.76 -22.32 -3.73
C TYR A 232 1.80 -23.81 -3.97
N ASN A 233 2.29 -24.16 -5.17
CA ASN A 233 2.44 -25.56 -5.61
C ASN A 233 1.20 -26.42 -5.33
N GLY A 234 0.04 -25.86 -5.64
CA GLY A 234 -1.25 -26.55 -5.56
C GLY A 234 -1.88 -26.63 -4.19
N THR A 235 -1.24 -25.99 -3.21
CA THR A 235 -1.69 -26.04 -1.82
C THR A 235 -2.10 -24.64 -1.44
N TYR A 236 -3.21 -24.53 -0.72
CA TYR A 236 -3.72 -23.24 -0.27
C TYR A 236 -3.22 -22.94 1.14
N TYR A 237 -2.74 -21.70 1.31
CA TYR A 237 -2.08 -21.26 2.54
C TYR A 237 -2.91 -20.15 3.12
N TYR A 238 -3.66 -20.50 4.18
CA TYR A 238 -4.39 -19.55 4.99
C TYR A 238 -3.47 -19.01 6.08
N SER A 239 -3.20 -17.70 6.04
CA SER A 239 -2.34 -17.07 7.06
C SER A 239 -3.14 -16.02 7.86
N TYR A 240 -2.67 -15.71 9.05
CA TYR A 240 -3.42 -14.86 9.96
C TYR A 240 -2.51 -14.33 11.08
N CYS A 241 -2.95 -13.28 11.75
CA CYS A 241 -2.19 -12.78 12.90
C CYS A 241 -2.69 -13.57 14.12
N ILE A 242 -1.76 -14.23 14.80
CA ILE A 242 -2.02 -14.91 16.09
C ILE A 242 -2.32 -13.84 17.19
N ASN A 243 -3.31 -14.10 18.05
CA ASN A 243 -3.65 -13.20 19.16
C ASN A 243 -2.56 -13.10 20.26
N PHE A 244 -2.79 -12.26 21.27
CA PHE A 244 -1.78 -11.94 22.28
C PHE A 244 -2.22 -12.44 23.66
N GLY A 245 -3.45 -12.96 23.78
CA GLY A 245 -3.96 -13.39 25.08
C GLY A 245 -3.86 -14.87 25.40
N GLY A 246 -4.06 -15.21 26.68
CA GLY A 246 -3.91 -16.56 27.24
C GLY A 246 -2.47 -16.98 27.22
N THR A 247 -2.21 -18.24 27.58
CA THR A 247 -0.88 -18.80 27.37
C THR A 247 -0.78 -19.32 25.93
N HIS A 248 0.42 -19.24 25.37
CA HIS A 248 0.64 -19.70 23.99
C HIS A 248 1.75 -20.70 23.99
N PRO A 249 1.59 -21.80 23.20
CA PRO A 249 2.67 -22.73 22.96
C PRO A 249 3.81 -22.05 22.17
N ALA A 250 5.01 -22.64 22.24
CA ALA A 250 6.21 -22.17 21.54
C ALA A 250 5.99 -22.02 20.02
N ASP A 251 5.17 -22.88 19.44
CA ASP A 251 4.92 -22.86 18.00
C ASP A 251 3.83 -21.89 17.54
N LYS A 252 3.14 -21.25 18.48
CA LYS A 252 2.10 -20.23 18.16
C LYS A 252 2.29 -18.91 18.92
N PRO A 253 3.44 -18.21 18.63
CA PRO A 253 3.85 -17.09 19.45
C PRO A 253 2.95 -15.91 19.21
N PRO A 254 2.59 -15.21 20.31
CA PRO A 254 1.67 -14.10 20.29
C PRO A 254 2.04 -13.02 19.24
N GLY A 255 1.02 -12.57 18.50
CA GLY A 255 1.19 -11.50 17.51
C GLY A 255 1.98 -11.80 16.23
N GLU A 256 2.36 -13.05 16.03
CA GLU A 256 3.17 -13.41 14.87
C GLU A 256 2.27 -13.98 13.79
N ILE A 257 2.76 -14.06 12.57
CA ILE A 257 1.90 -14.50 11.48
C ILE A 257 1.92 -16.03 11.40
N GLY A 258 0.79 -16.64 11.69
CA GLY A 258 0.63 -18.09 11.63
C GLY A 258 0.11 -18.45 10.24
N TYR A 259 0.24 -19.73 9.88
CA TYR A 259 -0.31 -20.23 8.61
C TYR A 259 -0.70 -21.72 8.66
N MET A 260 -1.65 -22.05 7.79
CA MET A 260 -2.27 -23.34 7.72
C MET A 260 -2.34 -23.72 6.26
N THR A 261 -2.35 -25.01 6.00
CA THR A 261 -2.44 -25.44 4.61
C THR A 261 -3.63 -26.37 4.39
N SER A 262 -4.12 -26.38 3.16
CA SER A 262 -5.16 -27.34 2.78
C SER A 262 -4.96 -27.64 1.31
N SER A 263 -5.54 -28.75 0.86
CA SER A 263 -5.65 -29.05 -0.56
C SER A 263 -6.87 -28.38 -1.23
N SER A 264 -7.79 -27.83 -0.43
CA SER A 264 -8.96 -27.12 -0.92
C SER A 264 -9.02 -25.72 -0.33
N PRO A 265 -9.63 -24.76 -1.08
CA PRO A 265 -9.67 -23.37 -0.57
C PRO A 265 -10.51 -23.16 0.67
N MET A 266 -11.44 -24.05 0.93
CA MET A 266 -12.36 -23.94 2.08
C MET A 266 -12.04 -24.93 3.20
N GLY A 267 -10.90 -25.61 3.08
CA GLY A 267 -10.39 -26.49 4.11
C GLY A 267 -10.62 -27.95 3.77
N PRO A 268 -10.30 -28.86 4.72
CA PRO A 268 -9.82 -28.49 6.05
C PRO A 268 -8.36 -28.01 6.08
N PHE A 269 -8.09 -26.98 6.89
CA PHE A 269 -6.74 -26.42 7.02
C PHE A 269 -6.04 -27.08 8.22
N THR A 270 -4.72 -27.23 8.11
CA THR A 270 -3.88 -27.77 9.16
C THR A 270 -2.81 -26.77 9.53
N TYR A 271 -2.66 -26.45 10.82
CA TYR A 271 -1.66 -25.47 11.23
C TYR A 271 -0.25 -25.95 10.94
N ARG A 272 0.57 -25.07 10.38
CA ARG A 272 1.89 -25.48 9.94
C ARG A 272 3.00 -24.73 10.71
N GLY A 273 2.76 -23.49 11.07
CA GLY A 273 3.83 -22.73 11.70
C GLY A 273 3.54 -21.24 11.57
N HIS A 274 4.57 -20.43 11.72
CA HIS A 274 4.51 -19.00 11.69
C HIS A 274 5.72 -18.46 10.88
N PHE A 275 5.57 -17.32 10.20
CA PHE A 275 6.68 -16.85 9.33
C PHE A 275 7.03 -15.35 9.43
N LEU A 276 6.34 -14.61 10.30
CA LEU A 276 6.65 -13.18 10.51
C LEU A 276 6.46 -12.76 11.96
N LYS A 277 7.55 -12.34 12.60
CA LYS A 277 7.55 -11.88 13.99
C LYS A 277 6.81 -10.55 14.10
N ASN A 278 6.56 -10.10 15.34
CA ASN A 278 5.92 -8.81 15.58
C ASN A 278 6.79 -7.71 14.97
N PRO A 279 6.15 -6.59 14.49
CA PRO A 279 6.94 -5.42 14.00
C PRO A 279 8.11 -5.01 14.94
N GLY A 280 7.82 -4.91 16.26
CA GLY A 280 8.80 -4.43 17.25
C GLY A 280 9.96 -5.39 17.48
N ALA A 281 9.81 -6.63 17.02
CA ALA A 281 10.92 -7.53 17.03
C ALA A 281 12.03 -7.06 16.08
N PHE A 282 11.67 -6.34 15.00
CA PHE A 282 12.66 -5.84 14.05
C PHE A 282 12.86 -4.33 14.11
N PHE A 283 11.80 -3.57 14.45
CA PHE A 283 11.85 -2.13 14.22
C PHE A 283 11.53 -1.34 15.48
N GLY A 284 11.81 -0.04 15.40
CA GLY A 284 11.31 0.96 16.34
C GLY A 284 9.80 1.23 16.16
N GLY A 285 9.13 1.54 17.27
CA GLY A 285 7.72 1.90 17.24
C GLY A 285 6.69 0.82 17.52
N GLY A 286 7.12 -0.43 17.62
CA GLY A 286 6.19 -1.54 17.95
C GLY A 286 5.09 -1.73 16.91
N GLY A 287 3.92 -2.18 17.35
CA GLY A 287 2.72 -2.31 16.53
C GLY A 287 2.21 -3.74 16.38
N ASN A 288 0.97 -3.90 15.89
CA ASN A 288 0.42 -5.22 15.47
C ASN A 288 0.59 -5.54 13.97
N ASN A 289 0.77 -6.81 13.66
CA ASN A 289 0.97 -7.29 12.31
C ASN A 289 -0.25 -7.21 11.41
N HIS A 290 0.00 -6.85 10.16
CA HIS A 290 -0.94 -7.02 9.04
C HIS A 290 -0.14 -7.30 7.76
N HIS A 291 -0.59 -8.24 6.94
CA HIS A 291 0.26 -8.73 5.87
C HIS A 291 -0.57 -9.32 4.71
N ALA A 292 0.09 -9.53 3.56
CA ALA A 292 -0.45 -10.27 2.44
C ALA A 292 0.73 -10.90 1.67
N VAL A 293 0.61 -12.18 1.31
CA VAL A 293 1.69 -12.87 0.58
C VAL A 293 1.31 -12.82 -0.91
N PHE A 294 2.30 -12.57 -1.79
CA PHE A 294 2.01 -12.43 -3.22
C PHE A 294 3.23 -12.82 -4.04
N ASN A 295 2.99 -13.18 -5.31
CA ASN A 295 4.08 -13.49 -6.23
C ASN A 295 4.04 -12.45 -7.34
N PHE A 296 5.12 -11.68 -7.47
CA PHE A 296 5.19 -10.60 -8.46
C PHE A 296 6.44 -10.85 -9.27
N LYS A 297 6.32 -10.80 -10.61
CA LYS A 297 7.48 -11.05 -11.48
C LYS A 297 8.24 -12.32 -11.06
N ASN A 298 7.47 -13.36 -10.72
CA ASN A 298 7.96 -14.73 -10.52
C ASN A 298 8.83 -14.89 -9.27
N GLU A 299 8.61 -13.99 -8.29
CA GLU A 299 9.18 -14.18 -6.95
C GLU A 299 8.13 -13.98 -5.88
N TRP A 300 8.26 -14.72 -4.80
CA TRP A 300 7.34 -14.58 -3.64
C TRP A 300 7.74 -13.52 -2.65
N TYR A 301 6.77 -12.73 -2.23
CA TYR A 301 7.00 -11.65 -1.25
C TYR A 301 5.86 -11.55 -0.24
N VAL A 302 6.10 -10.78 0.82
CA VAL A 302 5.06 -10.45 1.79
C VAL A 302 5.11 -8.94 1.96
N VAL A 303 3.95 -8.33 1.80
CA VAL A 303 3.75 -6.93 2.16
C VAL A 303 3.19 -6.94 3.61
N TYR A 304 3.69 -6.02 4.45
CA TYR A 304 3.29 -5.99 5.86
C TYR A 304 3.38 -4.52 6.32
N HIS A 305 2.97 -4.22 7.55
CA HIS A 305 3.16 -2.85 8.03
C HIS A 305 4.00 -2.76 9.32
N ALA A 306 4.61 -1.59 9.53
CA ALA A 306 5.38 -1.29 10.74
C ALA A 306 5.18 0.20 11.01
N GLN A 307 5.51 0.65 12.22
CA GLN A 307 5.38 2.09 12.53
C GLN A 307 6.73 2.83 12.41
N THR A 308 7.40 2.63 11.27
CA THR A 308 8.76 3.10 11.06
C THR A 308 8.88 4.57 10.63
N VAL A 309 7.78 5.17 10.15
CA VAL A 309 7.84 6.58 9.70
C VAL A 309 7.49 7.51 10.88
N SER A 310 6.38 7.21 11.54
CA SER A 310 6.03 7.93 12.77
C SER A 310 7.12 7.79 13.84
N SER A 311 7.76 6.62 13.96
CA SER A 311 8.81 6.39 14.97
CA SER A 311 8.74 6.49 15.03
C SER A 311 9.98 7.35 14.73
N ALA A 312 10.33 7.51 13.45
CA ALA A 312 11.40 8.42 13.07
C ALA A 312 11.04 9.90 13.25
N LEU A 313 9.78 10.23 13.02
CA LEU A 313 9.32 11.61 13.19
C LEU A 313 9.12 12.02 14.63
N PHE A 314 8.60 11.10 15.46
CA PHE A 314 8.14 11.49 16.79
C PHE A 314 8.87 10.83 17.96
N GLY A 315 9.67 9.81 17.67
CA GLY A 315 10.30 9.06 18.75
C GLY A 315 9.37 8.07 19.38
N ALA A 316 8.20 7.84 18.77
CA ALA A 316 7.27 6.76 19.14
C ALA A 316 6.36 6.51 17.94
N GLY A 317 5.80 5.30 17.86
CA GLY A 317 5.06 4.88 16.64
C GLY A 317 3.69 5.47 16.66
N LYS A 318 3.11 5.52 17.87
CA LYS A 318 1.81 6.14 18.18
C LYS A 318 0.66 5.56 17.35
N GLY A 319 0.84 4.33 16.87
CA GLY A 319 -0.21 3.61 16.10
C GLY A 319 -0.32 4.03 14.64
N TYR A 320 0.68 4.72 14.10
CA TYR A 320 0.70 5.11 12.69
C TYR A 320 1.59 4.19 11.91
N ARG A 321 1.00 3.62 10.84
CA ARG A 321 1.59 2.53 10.12
C ARG A 321 2.00 2.86 8.69
N SER A 322 3.02 2.12 8.23
CA SER A 322 3.70 2.29 6.94
C SER A 322 3.92 0.95 6.28
N PRO A 323 3.87 0.87 4.93
CA PRO A 323 4.12 -0.43 4.26
C PRO A 323 5.60 -0.82 4.11
N HIS A 324 5.88 -2.12 4.17
CA HIS A 324 7.20 -2.70 3.94
C HIS A 324 6.96 -3.92 3.05
N ILE A 325 7.96 -4.29 2.26
CA ILE A 325 7.97 -5.60 1.60
C ILE A 325 9.30 -6.29 1.82
N ASN A 326 9.25 -7.61 2.05
CA ASN A 326 10.46 -8.45 2.00
C ASN A 326 10.17 -9.76 1.29
N LYS A 327 11.22 -10.46 0.89
CA LYS A 327 11.09 -11.77 0.22
C LYS A 327 10.49 -12.83 1.15
N LEU A 328 9.70 -13.75 0.59
CA LEU A 328 9.17 -14.87 1.33
C LEU A 328 9.64 -16.14 0.65
N VAL A 329 10.15 -17.07 1.46
CA VAL A 329 10.70 -18.32 0.94
C VAL A 329 9.93 -19.60 1.35
N HIS A 330 9.43 -20.32 0.35
CA HIS A 330 8.89 -21.65 0.60
C HIS A 330 9.99 -22.72 0.55
N ASN A 331 9.99 -23.67 1.49
CA ASN A 331 10.97 -24.75 1.47
C ASN A 331 10.45 -25.89 0.59
N ALA A 332 11.28 -26.92 0.40
CA ALA A 332 10.91 -28.11 -0.39
C ALA A 332 9.73 -28.90 0.20
N ASP A 333 9.60 -28.90 1.52
CA ASP A 333 8.48 -29.57 2.17
C ASP A 333 7.20 -28.73 2.25
N GLY A 334 7.24 -27.50 1.71
CA GLY A 334 6.06 -26.64 1.66
C GLY A 334 5.91 -25.68 2.85
N SER A 335 6.83 -25.79 3.80
CA SER A 335 6.87 -24.85 4.93
C SER A 335 7.47 -23.51 4.48
N ILE A 336 7.35 -22.48 5.32
CA ILE A 336 7.78 -21.15 4.94
C ILE A 336 8.84 -20.72 5.94
N GLN A 337 9.97 -20.22 5.46
CA GLN A 337 11.01 -19.67 6.33
C GLN A 337 10.60 -18.35 6.95
N GLU A 338 11.13 -18.09 8.15
CA GLU A 338 10.94 -16.84 8.85
C GLU A 338 11.31 -15.67 7.94
N VAL A 339 10.40 -14.71 7.82
CA VAL A 339 10.66 -13.55 6.97
C VAL A 339 11.66 -12.63 7.66
N ALA A 340 12.75 -12.33 6.96
CA ALA A 340 13.79 -11.46 7.52
C ALA A 340 13.42 -10.02 7.26
N ALA A 341 12.48 -9.49 8.05
CA ALA A 341 12.03 -8.12 7.85
C ALA A 341 13.12 -7.14 8.22
N ASN A 342 13.28 -6.11 7.39
CA ASN A 342 14.39 -5.17 7.55
C ASN A 342 14.13 -3.82 6.83
N TYR A 343 15.08 -2.90 6.91
CA TYR A 343 15.00 -1.68 6.11
C TYR A 343 15.52 -1.83 4.70
N ALA A 344 16.55 -2.66 4.48
CA ALA A 344 17.14 -2.80 3.15
C ALA A 344 16.05 -3.13 2.11
N GLY A 345 15.20 -4.10 2.46
CA GLY A 345 14.05 -4.48 1.64
C GLY A 345 14.49 -5.18 0.37
N VAL A 346 13.74 -4.99 -0.71
CA VAL A 346 13.97 -5.72 -1.96
C VAL A 346 14.80 -4.87 -2.94
N THR A 347 15.88 -5.46 -3.48
CA THR A 347 16.79 -4.84 -4.44
C THR A 347 16.00 -4.58 -5.74
N GLN A 348 16.22 -3.42 -6.35
CA GLN A 348 15.47 -3.04 -7.55
C GLN A 348 15.52 -4.16 -8.62
N ILE A 349 14.36 -4.56 -9.14
CA ILE A 349 14.36 -5.73 -10.02
C ILE A 349 14.47 -5.36 -11.50
N SER A 350 14.17 -4.12 -11.84
CA SER A 350 14.46 -3.68 -13.21
C SER A 350 14.64 -2.18 -13.28
N ASN A 351 15.29 -1.74 -14.36
CA ASN A 351 15.59 -0.33 -14.52
C ASN A 351 14.37 0.47 -14.91
N LEU A 352 14.44 1.77 -14.65
CA LEU A 352 13.42 2.69 -15.06
C LEU A 352 13.85 3.35 -16.39
N ASN A 353 12.91 3.47 -17.31
CA ASN A 353 13.09 4.11 -18.61
C ASN A 353 12.72 5.60 -18.50
N PRO A 354 13.74 6.49 -18.56
CA PRO A 354 13.52 7.93 -18.34
C PRO A 354 12.98 8.70 -19.56
N TYR A 355 12.71 7.97 -20.64
CA TYR A 355 12.34 8.57 -21.92
C TYR A 355 10.85 8.51 -22.18
N ASN A 356 10.13 7.78 -21.32
CA ASN A 356 8.66 7.87 -21.27
C ASN A 356 8.32 9.02 -20.35
N ARG A 357 7.06 9.50 -20.41
CA ARG A 357 6.49 10.34 -19.35
C ARG A 357 6.54 9.55 -18.03
N VAL A 358 7.27 10.10 -17.06
CA VAL A 358 7.30 9.53 -15.71
C VAL A 358 6.61 10.56 -14.79
N GLU A 359 5.61 10.12 -14.04
CA GLU A 359 4.97 11.01 -13.05
C GLU A 359 6.01 11.54 -12.05
N ALA A 360 5.94 12.82 -11.68
CA ALA A 360 6.83 13.34 -10.66
C ALA A 360 6.61 12.54 -9.34
N GLU A 361 5.37 12.05 -9.15
CA GLU A 361 4.94 11.25 -7.96
C GLU A 361 5.30 9.78 -8.09
N THR A 362 6.14 9.48 -9.10
CA THR A 362 6.86 8.21 -9.20
C THR A 362 8.30 8.44 -8.71
N PHE A 363 8.61 8.00 -7.50
CA PHE A 363 9.95 8.23 -6.96
C PHE A 363 10.27 7.14 -5.98
N ALA A 364 11.58 6.94 -5.76
CA ALA A 364 12.09 5.94 -4.80
C ALA A 364 12.41 6.52 -3.44
N TRP A 365 12.96 7.73 -3.42
CA TRP A 365 13.35 8.43 -2.19
C TRP A 365 12.92 9.88 -2.28
N ASN A 366 12.74 10.52 -1.14
CA ASN A 366 12.45 11.94 -1.12
C ASN A 366 12.90 12.58 0.19
N GLY A 367 13.22 13.86 0.08
CA GLY A 367 13.73 14.66 1.19
C GLY A 367 12.73 15.75 1.33
N ARG A 368 11.61 15.27 1.86
CA ARG A 368 10.43 15.91 2.36
C ARG A 368 9.53 16.74 1.48
N ILE A 369 8.74 16.02 0.70
CA ILE A 369 7.64 16.60 -0.05
C ILE A 369 6.32 15.87 0.29
N LEU A 370 5.25 16.27 -0.37
CA LEU A 370 3.96 15.60 -0.26
C LEU A 370 3.50 15.35 -1.69
N THR A 371 2.56 14.43 -1.84
CA THR A 371 1.81 14.32 -3.09
C THR A 371 0.30 14.59 -2.84
N GLU A 372 -0.40 15.09 -3.85
CA GLU A 372 -1.83 15.31 -3.75
C GLU A 372 -2.43 15.28 -5.16
N LYS A 373 -3.77 15.24 -5.24
CA LYS A 373 -4.45 15.20 -6.51
C LYS A 373 -4.14 16.51 -7.24
N SER A 374 -3.88 16.41 -8.54
CA SER A 374 -3.39 17.55 -9.31
C SER A 374 -4.48 18.20 -10.14
N THR A 375 -4.32 19.50 -10.36
CA THR A 375 -5.19 20.25 -11.29
C THR A 375 -4.70 20.18 -12.74
N ALA A 376 -3.59 19.50 -13.00
CA ALA A 376 -2.98 19.48 -14.34
C ALA A 376 -3.89 18.84 -15.38
N PRO A 377 -4.11 19.51 -16.54
CA PRO A 377 -4.89 18.83 -17.59
C PRO A 377 -4.21 17.54 -18.04
N GLY A 378 -5.02 16.55 -18.43
CA GLY A 378 -4.52 15.27 -18.94
C GLY A 378 -4.03 14.40 -17.79
N GLY A 379 -3.13 13.46 -18.10
CA GLY A 379 -2.52 12.64 -17.05
C GLY A 379 -3.34 11.39 -16.79
N PRO A 380 -2.76 10.44 -16.04
CA PRO A 380 -3.46 9.15 -15.81
C PRO A 380 -4.62 9.33 -14.82
N VAL A 381 -5.36 8.24 -14.60
CA VAL A 381 -6.49 8.23 -13.64
C VAL A 381 -6.00 8.64 -12.23
N ASN A 382 -6.73 9.55 -11.59
CA ASN A 382 -6.38 10.08 -10.28
C ASN A 382 -4.96 10.69 -10.22
N ASN A 383 -4.51 11.22 -11.35
CA ASN A 383 -3.24 11.97 -11.45
C ASN A 383 -2.96 12.86 -10.24
N GLN A 384 -1.76 12.72 -9.69
CA GLN A 384 -1.25 13.53 -8.58
C GLN A 384 -0.13 14.48 -9.02
N HIS A 385 0.33 15.31 -8.10
CA HIS A 385 1.58 16.07 -8.35
C HIS A 385 2.36 16.08 -7.04
N VAL A 386 3.66 16.34 -7.17
CA VAL A 386 4.54 16.60 -6.03
C VAL A 386 4.36 18.09 -5.66
N THR A 387 4.20 18.32 -4.37
CA THR A 387 3.86 19.63 -3.82
C THR A 387 4.54 19.75 -2.46
N SER A 388 4.31 20.86 -1.76
CA SER A 388 5.04 21.18 -0.55
C SER A 388 6.57 21.07 -0.77
N ILE A 389 6.99 21.66 -1.89
CA ILE A 389 8.37 21.74 -2.31
C ILE A 389 8.96 23.11 -1.80
N GLN A 390 9.98 23.05 -0.96
CA GLN A 390 10.69 24.23 -0.46
C GLN A 390 12.15 24.12 -0.89
N ASN A 391 12.89 25.23 -0.89
CA ASN A 391 14.32 25.21 -1.18
C ASN A 391 15.08 24.14 -0.40
N GLY A 392 15.82 23.30 -1.13
CA GLY A 392 16.58 22.24 -0.48
C GLY A 392 15.94 20.85 -0.52
N ASP A 393 14.63 20.80 -0.77
CA ASP A 393 13.92 19.52 -0.96
C ASP A 393 14.43 18.85 -2.26
N TRP A 394 14.15 17.56 -2.36
CA TRP A 394 14.45 16.80 -3.57
C TRP A 394 13.55 15.55 -3.65
N ILE A 395 13.47 14.95 -4.85
CA ILE A 395 12.98 13.55 -5.01
C ILE A 395 13.99 12.81 -5.85
N ALA A 396 13.97 11.48 -5.79
CA ALA A 396 14.91 10.67 -6.58
C ALA A 396 14.25 9.38 -7.09
N VAL A 397 14.66 8.95 -8.29
CA VAL A 397 14.29 7.62 -8.83
C VAL A 397 15.50 6.69 -8.79
N GLY A 398 15.26 5.41 -8.60
CA GLY A 398 16.32 4.40 -8.64
C GLY A 398 16.58 3.91 -10.06
N ASN A 399 17.86 3.75 -10.38
CA ASN A 399 18.33 3.07 -11.61
C ASN A 399 17.58 3.46 -12.86
N ALA A 400 17.64 4.75 -13.19
CA ALA A 400 17.16 5.20 -14.49
C ALA A 400 18.24 4.79 -15.49
N ASP A 401 17.82 4.21 -16.60
CA ASP A 401 18.76 3.76 -17.60
C ASP A 401 18.72 4.69 -18.82
N PHE A 402 19.73 5.57 -18.89
CA PHE A 402 19.83 6.54 -19.99
C PHE A 402 20.38 5.92 -21.26
N GLY A 403 20.94 4.72 -21.16
CA GLY A 403 21.47 4.05 -22.34
C GLY A 403 22.82 4.63 -22.68
N ALA A 404 23.48 4.03 -23.67
CA ALA A 404 24.82 4.42 -24.14
C ALA A 404 24.83 5.81 -24.79
N GLY A 405 23.80 6.11 -25.59
CA GLY A 405 23.63 7.40 -26.25
C GLY A 405 23.28 8.55 -25.30
N GLY A 406 22.55 8.23 -24.22
CA GLY A 406 22.23 9.26 -23.22
C GLY A 406 21.13 10.22 -23.61
N ALA A 407 20.85 11.14 -22.70
CA ALA A 407 19.75 12.07 -22.83
C ALA A 407 20.19 13.39 -23.48
N ARG A 408 19.31 13.96 -24.29
CA ARG A 408 19.48 15.24 -24.94
C ARG A 408 18.88 16.42 -24.14
N SER A 409 17.64 16.24 -23.67
CA SER A 409 16.91 17.27 -22.91
C SER A 409 16.03 16.67 -21.80
N PHE A 410 15.42 17.56 -21.01
CA PHE A 410 14.57 17.23 -19.85
C PHE A 410 13.35 18.15 -19.85
N LYS A 411 12.16 17.55 -19.85
CA LYS A 411 10.92 18.27 -19.80
C LYS A 411 10.24 18.01 -18.44
N ALA A 412 9.55 19.02 -17.92
CA ALA A 412 8.85 18.93 -16.63
C ALA A 412 7.58 19.74 -16.74
N ASN A 413 6.46 19.18 -16.32
CA ASN A 413 5.22 19.92 -16.25
C ASN A 413 5.07 20.51 -14.85
N VAL A 414 5.05 21.84 -14.79
CA VAL A 414 5.12 22.60 -13.52
C VAL A 414 4.09 23.69 -13.45
N ALA A 415 3.71 24.07 -12.24
CA ALA A 415 2.83 25.20 -11.99
C ALA A 415 3.42 26.00 -10.84
N SER A 416 3.57 27.32 -11.04
CA SER A 416 4.32 28.11 -10.06
C SER A 416 3.82 29.58 -9.93
N THR A 417 3.77 30.07 -8.70
CA THR A 417 3.45 31.47 -8.46
C THR A 417 4.69 32.31 -8.75
N LEU A 418 5.76 32.02 -8.03
CA LEU A 418 7.00 32.82 -8.08
C LEU A 418 8.12 32.27 -8.96
N GLY A 419 8.12 30.96 -9.21
CA GLY A 419 9.19 30.32 -9.96
C GLY A 419 10.26 29.72 -9.06
N GLY A 420 11.21 29.02 -9.69
CA GLY A 420 12.31 28.34 -8.97
C GLY A 420 13.14 27.51 -9.94
N LYS A 421 13.92 26.55 -9.43
CA LYS A 421 14.74 25.67 -10.31
C LYS A 421 14.60 24.17 -9.99
N ILE A 422 14.75 23.34 -11.04
CA ILE A 422 14.97 21.90 -10.82
C ILE A 422 16.36 21.52 -11.30
N GLU A 423 17.22 21.15 -10.34
CA GLU A 423 18.51 20.59 -10.69
C GLU A 423 18.35 19.09 -10.93
N VAL A 424 18.86 18.64 -12.07
CA VAL A 424 18.90 17.21 -12.37
C VAL A 424 20.28 16.65 -12.08
N ARG A 425 20.39 15.85 -11.03
CA ARG A 425 21.67 15.31 -10.60
C ARG A 425 21.73 13.79 -10.67
N LEU A 426 22.89 13.25 -10.94
CA LEU A 426 23.05 11.79 -10.91
C LEU A 426 23.65 11.34 -9.59
N ASP A 427 23.27 10.13 -9.19
CA ASP A 427 23.87 9.31 -8.13
C ASP A 427 23.60 9.73 -6.72
N SER A 428 23.52 11.05 -6.48
CA SER A 428 23.25 11.59 -5.13
C SER A 428 22.70 13.02 -5.21
N ALA A 429 22.15 13.52 -4.10
CA ALA A 429 21.52 14.85 -4.11
C ALA A 429 22.56 15.98 -4.30
N ASP A 430 23.84 15.68 -4.08
CA ASP A 430 24.95 16.58 -4.42
C ASP A 430 25.77 16.09 -5.63
N GLY A 431 25.21 15.18 -6.43
CA GLY A 431 25.94 14.53 -7.49
C GLY A 431 26.03 15.28 -8.81
N LYS A 432 26.66 14.65 -9.79
CA LYS A 432 26.87 15.24 -11.11
C LYS A 432 25.62 16.00 -11.56
N LEU A 433 25.79 17.29 -11.80
CA LEU A 433 24.73 18.06 -12.38
C LEU A 433 24.67 17.92 -13.92
N VAL A 434 23.55 17.38 -14.43
CA VAL A 434 23.36 17.20 -15.88
C VAL A 434 22.47 18.24 -16.57
N GLY A 435 21.82 19.06 -15.74
CA GLY A 435 20.93 20.09 -16.23
C GLY A 435 20.22 20.79 -15.11
N THR A 436 19.78 22.00 -15.40
CA THR A 436 19.03 22.82 -14.47
C THR A 436 17.87 23.37 -15.24
N LEU A 437 16.67 23.07 -14.75
CA LEU A 437 15.44 23.52 -15.39
C LEU A 437 14.93 24.75 -14.64
N ASN A 438 14.73 25.84 -15.39
CA ASN A 438 14.20 27.06 -14.80
C ASN A 438 12.70 27.04 -14.87
N VAL A 439 12.10 27.07 -13.70
CA VAL A 439 10.66 27.07 -13.55
C VAL A 439 10.17 28.51 -13.53
N PRO A 440 9.36 28.90 -14.53
CA PRO A 440 8.96 30.30 -14.49
C PRO A 440 7.74 30.50 -13.59
N SER A 441 7.30 31.74 -13.43
CA SER A 441 5.96 31.99 -12.98
C SER A 441 5.07 31.59 -14.17
N THR A 442 4.06 30.77 -13.90
CA THR A 442 3.20 30.23 -14.93
C THR A 442 1.83 30.89 -14.87
N GLY A 443 1.60 31.64 -13.79
CA GLY A 443 0.31 32.26 -13.57
C GLY A 443 -0.23 31.91 -12.20
N GLY A 444 0.28 30.81 -11.64
CA GLY A 444 -0.08 30.37 -10.29
C GLY A 444 -0.03 28.84 -10.12
N ALA A 445 -0.42 28.38 -8.93
CA ALA A 445 -0.29 26.96 -8.53
C ALA A 445 -1.17 25.93 -9.31
N GLN A 446 -2.05 26.44 -10.18
CA GLN A 446 -2.99 25.60 -10.93
C GLN A 446 -2.92 25.91 -12.42
N THR A 447 -1.92 26.69 -12.80
CA THR A 447 -1.64 26.92 -14.22
C THR A 447 -0.34 26.24 -14.62
N TRP A 448 -0.45 25.34 -15.59
CA TRP A 448 0.61 24.39 -15.92
C TRP A 448 1.29 24.71 -17.22
N ARG A 449 2.60 24.53 -17.23
CA ARG A 449 3.39 24.68 -18.42
C ARG A 449 4.41 23.57 -18.43
N GLU A 450 4.59 22.96 -19.59
CA GLU A 450 5.66 22.00 -19.79
C GLU A 450 6.87 22.77 -20.26
N ILE A 451 7.94 22.72 -19.47
CA ILE A 451 9.21 23.38 -19.75
C ILE A 451 10.27 22.37 -20.21
N GLU A 452 11.10 22.79 -21.15
CA GLU A 452 12.22 21.98 -21.61
C GLU A 452 13.58 22.64 -21.33
N THR A 453 14.59 21.83 -21.08
CA THR A 453 15.96 22.31 -20.88
C THR A 453 16.97 21.26 -21.29
N ALA A 454 18.19 21.73 -21.60
CA ALA A 454 19.28 20.90 -22.08
C ALA A 454 19.77 19.93 -21.00
N VAL A 455 20.26 18.77 -21.44
CA VAL A 455 20.98 17.83 -20.58
C VAL A 455 22.29 17.34 -21.25
N SER A 456 23.37 17.27 -20.51
CA SER A 456 24.53 16.50 -20.97
C SER A 456 25.17 15.75 -19.82
N GLY A 457 25.74 14.60 -20.15
CA GLY A 457 26.45 13.81 -19.17
C GLY A 457 25.59 12.70 -18.58
N ALA A 458 24.40 12.53 -19.15
CA ALA A 458 23.46 11.55 -18.63
C ALA A 458 23.41 10.30 -19.54
N THR A 459 24.24 9.31 -19.22
CA THR A 459 24.33 8.08 -19.98
C THR A 459 24.36 6.94 -18.96
N GLY A 460 23.93 5.75 -19.36
CA GLY A 460 24.01 4.59 -18.47
C GLY A 460 23.03 4.59 -17.32
N VAL A 461 23.29 3.78 -16.31
CA VAL A 461 22.29 3.53 -15.26
C VAL A 461 22.65 4.29 -14.01
N HIS A 462 21.77 5.21 -13.57
CA HIS A 462 22.02 6.01 -12.34
C HIS A 462 20.73 6.23 -11.56
N LYS A 463 20.86 6.32 -10.23
CA LYS A 463 19.87 7.05 -9.46
C LYS A 463 19.81 8.46 -10.02
N VAL A 464 18.61 9.06 -10.08
CA VAL A 464 18.50 10.45 -10.55
C VAL A 464 17.79 11.24 -9.50
N PHE A 465 18.38 12.37 -9.12
CA PHE A 465 17.88 13.29 -8.12
C PHE A 465 17.34 14.54 -8.77
N PHE A 466 16.14 14.96 -8.39
CA PHE A 466 15.57 16.24 -8.79
C PHE A 466 15.57 17.14 -7.56
N VAL A 467 16.50 18.12 -7.56
CA VAL A 467 16.75 19.01 -6.42
C VAL A 467 16.09 20.36 -6.69
N PHE A 468 15.24 20.77 -5.75
CA PHE A 468 14.43 21.94 -5.93
C PHE A 468 15.04 23.12 -5.14
N THR A 469 15.16 24.25 -5.82
CA THR A 469 15.75 25.45 -5.20
C THR A 469 14.95 26.65 -5.61
N GLY A 470 15.07 27.72 -4.83
CA GLY A 470 14.35 28.97 -5.13
C GLY A 470 14.50 29.88 -3.93
N THR A 471 14.05 31.12 -4.04
CA THR A 471 14.31 32.09 -2.96
C THR A 471 13.17 32.17 -1.95
N GLY A 472 11.93 32.00 -2.44
CA GLY A 472 10.74 31.97 -1.55
C GLY A 472 10.88 31.03 -0.36
N THR A 473 10.05 31.23 0.68
CA THR A 473 10.07 30.34 1.85
C THR A 473 9.05 29.19 1.73
N GLY A 474 7.80 29.49 1.37
CA GLY A 474 6.80 28.44 1.16
C GLY A 474 7.01 27.60 -0.11
N ASN A 475 5.91 27.32 -0.82
CA ASN A 475 5.87 26.36 -1.93
C ASN A 475 6.35 26.98 -3.24
N LEU A 476 7.47 26.49 -3.76
CA LEU A 476 8.10 27.03 -4.98
C LEU A 476 7.28 26.73 -6.23
N PHE A 477 6.89 25.46 -6.35
CA PHE A 477 6.13 25.02 -7.49
C PHE A 477 5.50 23.66 -7.24
N ASN A 478 4.57 23.31 -8.09
CA ASN A 478 4.00 21.96 -8.16
C ASN A 478 4.56 21.28 -9.40
N PHE A 479 4.76 19.97 -9.28
CA PHE A 479 5.55 19.19 -10.23
C PHE A 479 4.73 17.93 -10.57
N ASP A 480 4.25 17.87 -11.82
CA ASP A 480 3.31 16.85 -12.29
C ASP A 480 3.98 15.61 -12.94
N TYR A 481 4.87 15.84 -13.89
CA TYR A 481 5.50 14.75 -14.63
C TYR A 481 6.78 15.27 -15.29
N TRP A 482 7.62 14.37 -15.73
CA TRP A 482 8.83 14.73 -16.46
C TRP A 482 9.07 13.66 -17.49
N GLN A 483 10.02 13.95 -18.37
CA GLN A 483 10.40 13.09 -19.48
C GLN A 483 11.77 13.57 -20.02
N PHE A 484 12.69 12.65 -20.25
CA PHE A 484 13.94 12.97 -20.96
C PHE A 484 13.75 12.69 -22.45
N THR A 485 14.53 13.35 -23.30
CA THR A 485 14.55 13.02 -24.74
C THR A 485 15.89 12.33 -25.01
N GLN A 486 15.92 11.41 -25.97
CA GLN A 486 17.13 10.67 -26.30
C GLN A 486 18.00 11.50 -27.20
N ARG A 487 19.32 11.44 -26.94
CA ARG A 487 20.28 12.16 -27.75
C ARG A 487 20.23 11.72 -29.21
#